data_6QEN
#
_entry.id   6QEN
#
_cell.length_a   51.127
_cell.length_b   57.710
_cell.length_c   74.646
_cell.angle_alpha   90.00
_cell.angle_beta   90.00
_cell.angle_gamma   90.00
#
_symmetry.space_group_name_H-M   'P 21 21 21'
#
loop_
_entity.id
_entity.type
_entity.pdbx_description
1 polymer 'Chymotrypsin-like elastase family member 1'
2 non-polymer '1-[[1-[(4-bromophenyl)methyl]-1,2,3-triazol-4-yl]methylamino]-2-methyl-1-oxidanylidene-propane-2-sulfonic acid'
3 non-polymer 'PHOSPHATE ION'
4 non-polymer (4S)-2-METHYL-2,4-PENTANEDIOL
5 non-polymer 'SODIUM ION'
6 water water
#
_entity_poly.entity_id   1
_entity_poly.type   'polypeptide(L)'
_entity_poly.pdbx_seq_one_letter_code
;VVGGTEAQRNSWPSQISLQYRSGSSWAHTCGGTLIRQNWVMTAAHCVDRELTFRVVVGEHNLNQNDGTEQYVGVQKIVVH
PYWNTDDVAAGYDIALLRLAQSVTLNSYVQLGVLPRAGTILANNSPCYITGWGLTRTNGQLAQTLQQAYLPTVDYAICSS
SSYWGSTVKNSMVCAGGDGVRSGCQGDSGGPLHCLVNGQYAVHGVTSFVSRLGCNVTRKPTVFTRVSAYISWINNVIASN
;
_entity_poly.pdbx_strand_id   A
#
# COMPACT_ATOMS: atom_id res chain seq x y z
N VAL A 1 3.97 -7.02 7.52
CA VAL A 1 5.35 -7.08 7.05
C VAL A 1 6.06 -8.20 7.80
N VAL A 2 6.56 -9.18 7.06
CA VAL A 2 7.36 -10.26 7.62
C VAL A 2 8.82 -9.87 7.49
N GLY A 3 9.60 -10.13 8.54
CA GLY A 3 11.02 -9.84 8.49
C GLY A 3 11.35 -8.37 8.51
N GLY A 4 10.45 -7.54 9.02
CA GLY A 4 10.70 -6.12 9.11
C GLY A 4 11.24 -5.73 10.47
N THR A 5 11.39 -4.42 10.65
CA THR A 5 11.74 -3.84 11.93
C THR A 5 10.74 -2.73 12.23
N GLU A 6 10.64 -2.36 13.49
CA GLU A 6 9.70 -1.30 13.84
C GLU A 6 10.19 0.02 13.28
N ALA A 7 9.32 0.71 12.55
CA ALA A 7 9.68 2.02 12.01
C ALA A 7 9.80 3.06 13.12
N GLN A 8 10.68 4.04 12.90
CA GLN A 8 10.68 5.21 13.76
C GLN A 8 9.35 5.95 13.62
N ARG A 9 8.85 6.46 14.74
CA ARG A 9 7.59 7.18 14.80
C ARG A 9 7.46 8.13 13.63
N ASN A 10 6.49 7.88 12.77
CA ASN A 10 6.09 8.83 11.76
C ASN A 10 7.25 9.26 10.85
N SER A 11 8.25 8.38 10.67
CA SER A 11 9.20 8.55 9.57
C SER A 11 8.57 8.27 8.21
N TRP A 12 7.36 7.74 8.19
CA TRP A 12 6.62 7.47 6.95
C TRP A 12 5.29 8.20 7.12
N PRO A 13 5.32 9.53 7.13
CA PRO A 13 4.15 10.31 7.56
C PRO A 13 2.98 10.30 6.59
N SER A 14 3.13 9.74 5.39
CA SER A 14 2.01 9.55 4.48
C SER A 14 1.30 8.21 4.63
N GLN A 15 1.84 7.29 5.42
CA GLN A 15 1.20 6.00 5.63
C GLN A 15 -0.08 6.22 6.42
N ILE A 16 -1.16 5.58 5.99
CA ILE A 16 -2.41 5.61 6.72
C ILE A 16 -2.85 4.18 7.03
N SER A 17 -3.72 4.06 8.03
CA SER A 17 -4.41 2.81 8.34
C SER A 17 -5.86 2.95 7.89
N LEU A 18 -6.32 2.02 7.06
CA LEU A 18 -7.70 1.96 6.61
C LEU A 18 -8.40 0.91 7.46
N GLN A 19 -9.46 1.33 8.15
CA GLN A 19 -10.14 0.52 9.14
C GLN A 19 -11.62 0.44 8.81
N TYR A 20 -12.26 -0.64 9.25
CA TYR A 20 -13.69 -0.80 9.05
C TYR A 20 -14.36 -1.03 10.40
N ARG A 21 -15.63 -0.66 10.49
CA ARG A 21 -16.30 -0.76 11.77
C ARG A 21 -16.60 -2.21 12.08
N SER A 22 -16.26 -2.61 13.29
CA SER A 22 -16.41 -3.99 13.74
C SER A 22 -17.06 -3.87 15.10
N GLY A 23 -18.38 -4.09 15.14
CA GLY A 23 -19.15 -3.92 16.37
C GLY A 23 -19.16 -2.48 16.82
N SER A 24 -18.67 -2.22 18.02
CA SER A 24 -18.54 -0.87 18.54
C SER A 24 -17.13 -0.34 18.38
N SER A 25 -16.29 -1.03 17.64
CA SER A 25 -14.88 -0.65 17.52
C SER A 25 -14.49 -0.67 16.04
N TRP A 26 -13.19 -0.75 15.79
CA TRP A 26 -12.64 -0.60 14.45
C TRP A 26 -11.58 -1.67 14.27
N ALA A 27 -11.45 -2.14 13.04
CA ALA A 27 -10.45 -3.15 12.71
C ALA A 27 -9.60 -2.68 11.52
N HIS A 28 -8.30 -2.74 11.66
CA HIS A 28 -7.40 -2.45 10.56
C HIS A 28 -7.52 -3.51 9.47
N THR A 29 -7.69 -3.07 8.22
CA THR A 29 -7.76 -4.00 7.09
C THR A 29 -6.70 -3.75 6.02
N CYS A 30 -6.23 -2.52 5.84
CA CYS A 30 -5.33 -2.21 4.74
C CYS A 30 -4.54 -0.98 5.12
N GLY A 31 -3.44 -0.80 4.42
CA GLY A 31 -2.75 0.46 4.40
C GLY A 31 -3.26 1.36 3.28
N GLY A 32 -2.68 2.55 3.24
CA GLY A 32 -2.93 3.52 2.18
C GLY A 32 -1.89 4.61 2.28
N THR A 33 -1.92 5.51 1.31
CA THR A 33 -1.04 6.67 1.27
C THR A 33 -1.87 7.94 1.16
N LEU A 34 -1.60 8.90 2.04
CA LEU A 34 -2.23 10.20 1.96
C LEU A 34 -1.60 10.95 0.80
N ILE A 35 -2.39 11.32 -0.21
CA ILE A 35 -1.85 12.02 -1.37
C ILE A 35 -2.36 13.44 -1.52
N ARG A 36 -3.49 13.80 -0.90
CA ARG A 36 -3.91 15.17 -0.69
C ARG A 36 -4.44 15.24 0.73
N GLN A 37 -4.66 16.45 1.24
CA GLN A 37 -5.20 16.57 2.59
C GLN A 37 -6.55 15.87 2.71
N ASN A 38 -7.26 15.67 1.60
CA ASN A 38 -8.56 15.00 1.62
C ASN A 38 -8.63 13.81 0.67
N TRP A 39 -7.50 13.21 0.30
CA TRP A 39 -7.52 12.04 -0.57
C TRP A 39 -6.47 11.03 -0.15
N VAL A 40 -6.89 9.76 -0.12
CA VAL A 40 -6.01 8.62 0.16
C VAL A 40 -6.00 7.70 -1.06
N MET A 41 -4.81 7.21 -1.39
CA MET A 41 -4.61 6.19 -2.40
C MET A 41 -4.45 4.83 -1.71
N THR A 42 -5.25 3.84 -2.14
CA THR A 42 -5.20 2.49 -1.59
C THR A 42 -5.41 1.48 -2.72
N ALA A 43 -5.53 0.20 -2.36
CA ALA A 43 -5.84 -0.83 -3.34
C ALA A 43 -7.35 -0.95 -3.51
N ALA A 44 -7.79 -1.19 -4.75
CA ALA A 44 -9.21 -1.44 -4.99
C ALA A 44 -9.72 -2.61 -4.17
N HIS A 45 -8.93 -3.67 -4.03
CA HIS A 45 -9.49 -4.83 -3.34
C HIS A 45 -9.77 -4.55 -1.87
N CYS A 46 -9.14 -3.52 -1.29
CA CYS A 46 -9.41 -3.17 0.10
C CYS A 46 -10.83 -2.69 0.33
N VAL A 47 -11.51 -2.23 -0.72
CA VAL A 47 -12.88 -1.75 -0.60
C VAL A 47 -13.89 -2.66 -1.31
N ASP A 48 -13.51 -3.92 -1.59
CA ASP A 48 -14.44 -4.85 -2.20
C ASP A 48 -15.65 -5.14 -1.32
N ARG A 49 -15.49 -5.10 -0.01
CA ARG A 49 -16.63 -5.28 0.88
C ARG A 49 -17.22 -3.93 1.23
N GLU A 50 -18.55 -3.86 1.24
CA GLU A 50 -19.24 -2.60 1.51
C GLU A 50 -19.46 -2.45 3.01
N LEU A 51 -18.55 -1.70 3.62
CA LEU A 51 -18.45 -1.53 5.05
C LEU A 51 -18.30 -0.05 5.34
N THR A 52 -18.46 0.33 6.60
CA THR A 52 -18.13 1.69 7.01
C THR A 52 -16.63 1.75 7.23
N PHE A 53 -15.95 2.66 6.54
CA PHE A 53 -14.51 2.82 6.64
C PHE A 53 -14.16 4.12 7.35
N ARG A 54 -13.00 4.09 8.00
CA ARG A 54 -12.32 5.30 8.41
C ARG A 54 -10.84 5.20 8.08
N VAL A 55 -10.22 6.35 7.99
CA VAL A 55 -8.80 6.50 7.76
C VAL A 55 -8.17 7.10 9.01
N VAL A 56 -7.04 6.54 9.43
CA VAL A 56 -6.24 7.08 10.52
C VAL A 56 -4.93 7.56 9.93
N VAL A 57 -4.64 8.85 10.10
CA VAL A 57 -3.37 9.43 9.74
C VAL A 57 -2.59 9.67 11.03
N GLY A 58 -1.28 9.75 10.92
CA GLY A 58 -0.44 9.95 12.09
C GLY A 58 -0.42 8.77 13.02
N GLU A 59 -0.72 7.57 12.52
CA GLU A 59 -0.79 6.39 13.37
C GLU A 59 0.57 5.76 13.50
N HIS A 60 0.79 5.09 14.64
CA HIS A 60 2.01 4.33 14.83
C HIS A 60 1.70 3.03 15.58
N ASN A 61 1.12 3.16 16.77
CA ASN A 61 0.71 2.02 17.60
C ASN A 61 -0.81 1.92 17.49
N LEU A 62 -1.30 0.87 16.83
CA LEU A 62 -2.74 0.75 16.57
C LEU A 62 -3.56 0.62 17.85
N ASN A 63 -2.96 0.16 18.94
CA ASN A 63 -3.69 -0.14 20.15
C ASN A 63 -3.69 0.99 21.16
N GLN A 64 -3.02 2.11 20.85
CA GLN A 64 -2.86 3.16 21.85
C GLN A 64 -2.84 4.51 21.16
N ASN A 65 -3.53 5.47 21.74
CA ASN A 65 -3.50 6.84 21.22
C ASN A 65 -2.24 7.53 21.74
N ASP A 66 -1.43 8.04 20.82
CA ASP A 66 -0.19 8.72 21.16
C ASP A 66 -0.26 10.23 21.00
N GLY A 67 -1.42 10.78 20.69
CA GLY A 67 -1.57 12.20 20.51
C GLY A 67 -1.23 12.70 19.13
N THR A 68 -0.85 11.83 18.21
CA THR A 68 -0.47 12.23 16.87
C THR A 68 -1.49 11.86 15.81
N GLU A 69 -2.53 11.10 16.18
CA GLU A 69 -3.47 10.55 15.20
C GLU A 69 -4.58 11.54 14.90
N GLN A 70 -5.06 11.48 13.66
CA GLN A 70 -6.34 12.07 13.29
C GLN A 70 -7.16 10.99 12.60
N TYR A 71 -8.44 10.93 12.95
CA TYR A 71 -9.36 9.91 12.48
C TYR A 71 -10.42 10.60 11.65
N VAL A 72 -10.64 10.12 10.42
CA VAL A 72 -11.54 10.80 9.47
C VAL A 72 -12.35 9.77 8.70
N GLY A 73 -13.60 10.14 8.41
CA GLY A 73 -14.46 9.28 7.62
C GLY A 73 -14.09 9.28 6.16
N VAL A 74 -14.59 8.26 5.46
CA VAL A 74 -14.47 8.13 4.00
C VAL A 74 -15.79 8.55 3.38
N GLN A 75 -15.74 9.59 2.57
CA GLN A 75 -16.94 10.19 2.00
C GLN A 75 -17.23 9.74 0.57
N LYS A 76 -16.21 9.33 -0.19
CA LYS A 76 -16.40 8.84 -1.54
C LYS A 76 -15.30 7.84 -1.84
N ILE A 77 -15.68 6.76 -2.52
CA ILE A 77 -14.76 5.72 -2.98
C ILE A 77 -14.78 5.69 -4.50
N VAL A 78 -13.61 5.90 -5.12
CA VAL A 78 -13.46 5.82 -6.58
C VAL A 78 -12.47 4.70 -6.88
N VAL A 79 -12.98 3.57 -7.31
CA VAL A 79 -12.16 2.44 -7.72
C VAL A 79 -11.83 2.61 -9.20
N HIS A 80 -10.67 2.12 -9.60
CA HIS A 80 -10.35 2.19 -11.02
C HIS A 80 -11.44 1.48 -11.82
N PRO A 81 -11.95 2.08 -12.90
CA PRO A 81 -13.11 1.48 -13.56
C PRO A 81 -12.84 0.16 -14.23
N TYR A 82 -11.57 -0.22 -14.39
CA TYR A 82 -11.23 -1.50 -14.99
C TYR A 82 -10.92 -2.57 -13.96
N TRP A 83 -10.99 -2.24 -12.68
CA TRP A 83 -10.78 -3.23 -11.64
C TRP A 83 -11.82 -4.33 -11.70
N ASN A 84 -11.36 -5.57 -11.58
CA ASN A 84 -12.22 -6.74 -11.55
C ASN A 84 -11.82 -7.57 -10.33
N THR A 85 -12.68 -7.59 -9.32
N THR A 85 -12.69 -7.58 -9.32
CA THR A 85 -12.38 -8.29 -8.07
CA THR A 85 -12.42 -8.30 -8.08
C THR A 85 -12.07 -9.76 -8.27
C THR A 85 -11.99 -9.73 -8.33
N ASP A 86 -12.58 -10.38 -9.34
CA ASP A 86 -12.30 -11.79 -9.61
C ASP A 86 -11.03 -12.00 -10.43
N ASP A 87 -10.29 -10.95 -10.74
CA ASP A 87 -9.10 -11.05 -11.60
C ASP A 87 -8.06 -10.02 -11.13
N VAL A 88 -7.52 -10.20 -9.93
N VAL A 88 -7.56 -10.24 -9.92
CA VAL A 88 -6.53 -9.24 -9.44
CA VAL A 88 -6.51 -9.39 -9.36
C VAL A 88 -5.24 -9.30 -10.23
C VAL A 88 -5.33 -9.29 -10.32
N ALA A 89 -4.97 -10.42 -10.94
CA ALA A 89 -3.80 -10.49 -11.79
C ALA A 89 -3.93 -9.64 -13.03
N ALA A 90 -5.15 -9.20 -13.38
CA ALA A 90 -5.28 -8.29 -14.51
C ALA A 90 -4.76 -6.90 -14.19
N GLY A 91 -4.61 -6.58 -12.91
CA GLY A 91 -4.17 -5.29 -12.48
C GLY A 91 -5.29 -4.34 -12.15
N TYR A 92 -5.02 -3.05 -12.25
CA TYR A 92 -5.97 -2.00 -11.91
C TYR A 92 -6.35 -2.00 -10.43
N ASP A 93 -5.48 -2.53 -9.57
CA ASP A 93 -5.79 -2.65 -8.15
C ASP A 93 -5.43 -1.34 -7.45
N ILE A 94 -6.29 -0.36 -7.65
CA ILE A 94 -6.06 0.97 -7.10
C ILE A 94 -7.39 1.66 -6.95
N ALA A 95 -7.49 2.45 -5.88
CA ALA A 95 -8.70 3.19 -5.54
C ALA A 95 -8.30 4.47 -4.81
N LEU A 96 -9.13 5.49 -4.96
CA LEU A 96 -8.95 6.76 -4.26
C LEU A 96 -10.12 6.96 -3.34
N LEU A 97 -9.82 7.41 -2.12
CA LEU A 97 -10.83 7.66 -1.10
C LEU A 97 -10.81 9.14 -0.81
N ARG A 98 -11.94 9.80 -1.01
CA ARG A 98 -12.07 11.20 -0.64
C ARG A 98 -12.51 11.22 0.83
N LEU A 99 -11.75 11.95 1.65
CA LEU A 99 -11.99 11.98 3.08
C LEU A 99 -13.08 12.98 3.42
N ALA A 100 -13.79 12.71 4.51
CA ALA A 100 -14.90 13.56 4.91
C ALA A 100 -14.45 14.94 5.34
N GLN A 101 -13.22 15.06 5.83
CA GLN A 101 -12.64 16.38 6.04
C GLN A 101 -11.17 16.31 5.69
N SER A 102 -10.59 17.49 5.49
CA SER A 102 -9.17 17.60 5.20
C SER A 102 -8.36 17.47 6.49
N VAL A 103 -7.41 16.56 6.50
CA VAL A 103 -6.56 16.39 7.67
C VAL A 103 -5.54 17.53 7.72
N THR A 104 -5.03 17.77 8.93
CA THR A 104 -4.04 18.79 9.19
C THR A 104 -2.64 18.20 9.04
N LEU A 105 -1.78 18.88 8.29
CA LEU A 105 -0.44 18.38 8.06
C LEU A 105 0.48 18.87 9.16
N ASN A 106 1.43 18.02 9.52
CA ASN A 106 2.39 18.27 10.59
C ASN A 106 3.51 17.25 10.43
N SER A 107 4.39 17.14 11.43
CA SER A 107 5.52 16.22 11.29
C SER A 107 5.06 14.76 11.13
N TYR A 108 3.85 14.43 11.56
CA TYR A 108 3.31 13.07 11.57
C TYR A 108 2.39 12.77 10.41
N VAL A 109 1.96 13.80 9.70
CA VAL A 109 0.94 13.70 8.67
C VAL A 109 1.44 14.54 7.50
N GLN A 110 1.85 13.88 6.43
CA GLN A 110 2.39 14.55 5.26
C GLN A 110 1.90 13.83 4.03
N LEU A 111 1.91 14.55 2.92
CA LEU A 111 1.50 13.97 1.66
C LEU A 111 2.60 13.09 1.11
N GLY A 112 2.22 11.96 0.55
CA GLY A 112 3.18 11.11 -0.09
C GLY A 112 3.53 11.66 -1.46
N VAL A 113 4.77 11.50 -1.82
CA VAL A 113 5.28 12.00 -3.09
C VAL A 113 5.11 10.90 -4.12
N LEU A 114 4.44 11.25 -5.30
CA LEU A 114 4.27 10.23 -6.32
C LEU A 114 5.35 10.34 -7.38
N PRO A 115 5.67 9.23 -8.04
CA PRO A 115 6.68 9.28 -9.11
C PRO A 115 6.14 9.99 -10.33
N ARG A 116 7.06 10.41 -11.19
CA ARG A 116 6.67 10.93 -12.49
C ARG A 116 6.03 9.81 -13.31
N ALA A 117 5.00 10.16 -14.07
CA ALA A 117 4.33 9.18 -14.90
C ALA A 117 5.33 8.40 -15.77
N GLY A 118 5.13 7.10 -15.86
CA GLY A 118 5.94 6.22 -16.68
C GLY A 118 7.22 5.73 -16.06
N THR A 119 7.58 6.19 -14.85
CA THR A 119 8.85 5.79 -14.27
C THR A 119 8.85 4.29 -13.98
N ILE A 120 9.89 3.60 -14.44
CA ILE A 120 10.13 2.19 -14.16
C ILE A 120 11.48 2.12 -13.48
N LEU A 121 11.55 1.45 -12.34
CA LEU A 121 12.80 1.36 -11.62
C LEU A 121 13.66 0.24 -12.15
N ALA A 122 14.98 0.46 -12.13
CA ALA A 122 15.90 -0.58 -12.52
C ALA A 122 15.78 -1.74 -11.54
N ASN A 123 16.13 -2.92 -12.02
CA ASN A 123 16.15 -4.08 -11.14
C ASN A 123 16.96 -3.77 -9.89
N ASN A 124 16.48 -4.27 -8.76
CA ASN A 124 17.19 -4.19 -7.50
C ASN A 124 17.26 -2.76 -6.96
N SER A 125 16.28 -1.93 -7.28
CA SER A 125 16.27 -0.58 -6.77
C SER A 125 15.87 -0.56 -5.30
N PRO A 126 16.39 0.42 -4.53
CA PRO A 126 16.16 0.41 -3.08
C PRO A 126 14.78 0.92 -2.73
N CYS A 127 13.99 0.08 -2.06
CA CYS A 127 12.65 0.42 -1.63
C CYS A 127 12.41 -0.17 -0.24
N TYR A 128 11.40 0.39 0.44
CA TYR A 128 10.91 -0.11 1.71
C TYR A 128 9.40 -0.30 1.62
N ILE A 129 8.93 -1.43 2.13
CA ILE A 129 7.51 -1.60 2.39
C ILE A 129 7.24 -1.22 3.83
N THR A 130 6.08 -0.61 4.07
CA THR A 130 5.65 -0.30 5.43
C THR A 130 4.21 -0.77 5.62
N GLY A 131 3.89 -1.13 6.86
CA GLY A 131 2.53 -1.50 7.18
C GLY A 131 2.39 -2.14 8.54
N TRP A 132 1.13 -2.37 8.91
CA TRP A 132 0.74 -3.09 10.12
C TRP A 132 0.30 -4.51 9.83
N GLY A 133 0.56 -5.01 8.62
CA GLY A 133 0.16 -6.36 8.25
C GLY A 133 0.84 -7.45 9.06
N LEU A 134 0.43 -8.69 8.80
CA LEU A 134 0.91 -9.82 9.58
C LEU A 134 2.43 -9.87 9.60
N THR A 135 2.97 -10.26 10.74
CA THR A 135 4.41 -10.34 10.91
C THR A 135 4.97 -11.72 10.61
N ARG A 136 4.09 -12.69 10.34
CA ARG A 136 4.46 -14.01 9.86
C ARG A 136 3.28 -14.52 9.07
N THR A 137 3.56 -15.40 8.12
CA THR A 137 2.49 -16.10 7.42
C THR A 137 1.58 -16.75 8.44
N ASN A 138 0.28 -16.55 8.29
CA ASN A 138 -0.71 -17.11 9.20
C ASN A 138 -0.59 -16.56 10.62
N GLY A 139 0.06 -15.41 10.78
CA GLY A 139 0.29 -14.80 12.08
C GLY A 139 -0.74 -13.74 12.42
N GLN A 140 -0.28 -12.68 13.05
CA GLN A 140 -1.15 -11.61 13.51
C GLN A 140 -0.58 -10.26 13.09
N LEU A 141 -1.46 -9.25 13.09
CA LEU A 141 -1.06 -7.91 12.72
C LEU A 141 0.02 -7.38 13.65
N ALA A 142 0.84 -6.46 13.12
CA ALA A 142 1.78 -5.74 13.96
C ALA A 142 1.05 -4.66 14.75
N GLN A 143 1.39 -4.55 16.04
CA GLN A 143 0.86 -3.47 16.85
C GLN A 143 1.44 -2.12 16.41
N THR A 144 2.72 -2.09 16.07
CA THR A 144 3.39 -0.86 15.67
C THR A 144 3.86 -0.97 14.23
N LEU A 145 3.87 0.17 13.54
CA LEU A 145 4.21 0.19 12.13
C LEU A 145 5.57 -0.46 11.90
N GLN A 146 5.62 -1.35 10.93
CA GLN A 146 6.84 -2.05 10.55
C GLN A 146 7.33 -1.57 9.20
N GLN A 147 8.63 -1.71 8.98
CA GLN A 147 9.24 -1.46 7.68
C GLN A 147 10.17 -2.62 7.33
N ALA A 148 10.34 -2.85 6.03
CA ALA A 148 11.32 -3.81 5.57
C ALA A 148 11.92 -3.36 4.25
N TYR A 149 13.23 -3.53 4.12
CA TYR A 149 13.92 -3.26 2.88
C TYR A 149 13.58 -4.34 1.87
N LEU A 150 13.05 -3.90 0.72
CA LEU A 150 12.43 -4.79 -0.26
C LEU A 150 12.84 -4.26 -1.63
N PRO A 151 14.01 -4.64 -2.12
CA PRO A 151 14.46 -4.09 -3.40
C PRO A 151 13.66 -4.68 -4.55
N THR A 152 13.55 -3.92 -5.63
CA THR A 152 12.67 -4.31 -6.71
C THR A 152 13.20 -5.51 -7.48
N VAL A 153 12.27 -6.24 -8.07
CA VAL A 153 12.55 -7.30 -9.03
C VAL A 153 11.87 -6.88 -10.33
N ASP A 154 12.66 -6.66 -11.38
CA ASP A 154 12.10 -6.05 -12.57
C ASP A 154 11.14 -7.00 -13.31
N TYR A 155 10.38 -6.39 -14.23
CA TYR A 155 9.32 -7.11 -14.91
C TYR A 155 9.83 -8.37 -15.60
N ALA A 156 10.97 -8.26 -16.29
CA ALA A 156 11.48 -9.42 -17.01
C ALA A 156 11.69 -10.60 -16.07
N ILE A 157 12.26 -10.35 -14.90
CA ILE A 157 12.48 -11.43 -13.93
C ILE A 157 11.16 -11.84 -13.28
N CYS A 158 10.36 -10.86 -12.86
CA CYS A 158 9.19 -11.15 -12.04
C CYS A 158 8.13 -11.93 -12.82
N SER A 159 8.02 -11.67 -14.13
CA SER A 159 7.05 -12.34 -14.98
C SER A 159 7.62 -13.58 -15.65
N SER A 160 8.83 -13.99 -15.30
CA SER A 160 9.38 -15.22 -15.84
C SER A 160 8.77 -16.42 -15.12
N SER A 161 8.99 -17.60 -15.68
CA SER A 161 8.27 -18.78 -15.25
C SER A 161 8.62 -19.21 -13.81
N SER A 162 9.85 -18.97 -13.35
CA SER A 162 10.20 -19.38 -12.00
C SER A 162 9.80 -18.36 -10.94
N TYR A 163 9.27 -17.21 -11.34
CA TYR A 163 8.69 -16.26 -10.39
C TYR A 163 7.17 -16.31 -10.52
N TRP A 164 6.54 -15.21 -10.92
CA TRP A 164 5.08 -15.16 -11.00
C TRP A 164 4.54 -15.49 -12.40
N GLY A 165 5.40 -15.61 -13.40
CA GLY A 165 4.93 -15.88 -14.74
C GLY A 165 3.94 -14.82 -15.21
N SER A 166 2.95 -15.27 -15.98
CA SER A 166 2.01 -14.38 -16.65
C SER A 166 1.14 -13.62 -15.68
N THR A 167 1.11 -14.01 -14.41
CA THR A 167 0.28 -13.32 -13.44
C THR A 167 0.74 -11.90 -13.20
N VAL A 168 2.04 -11.62 -13.31
CA VAL A 168 2.55 -10.27 -13.14
C VAL A 168 2.56 -9.55 -14.48
N LYS A 169 2.05 -8.32 -14.46
CA LYS A 169 1.91 -7.43 -15.60
C LYS A 169 2.87 -6.26 -15.48
N ASN A 170 3.11 -5.58 -16.60
CA ASN A 170 4.03 -4.45 -16.57
C ASN A 170 3.44 -3.24 -15.83
N SER A 171 2.16 -3.28 -15.50
CA SER A 171 1.50 -2.28 -14.68
C SER A 171 1.68 -2.54 -13.18
N MET A 172 2.56 -3.47 -12.82
CA MET A 172 2.85 -3.82 -11.45
C MET A 172 4.34 -3.65 -11.17
N VAL A 173 4.69 -3.48 -9.90
CA VAL A 173 6.05 -3.50 -9.41
C VAL A 173 6.18 -4.71 -8.51
N CYS A 174 7.25 -5.48 -8.66
CA CYS A 174 7.55 -6.56 -7.74
C CYS A 174 8.72 -6.16 -6.86
N ALA A 175 8.70 -6.62 -5.61
CA ALA A 175 9.82 -6.31 -4.74
C ALA A 175 9.97 -7.41 -3.71
N GLY A 176 11.22 -7.73 -3.39
CA GLY A 176 11.51 -8.72 -2.36
C GLY A 176 11.71 -10.10 -2.93
N GLY A 177 11.04 -11.09 -2.34
CA GLY A 177 11.18 -12.46 -2.78
C GLY A 177 12.40 -13.21 -2.27
N ASP A 178 13.08 -12.70 -1.23
CA ASP A 178 14.24 -13.39 -0.70
C ASP A 178 13.88 -14.54 0.25
N GLY A 179 12.59 -14.74 0.54
CA GLY A 179 12.17 -15.78 1.44
C GLY A 179 12.17 -15.40 2.90
N VAL A 180 12.61 -14.19 3.24
CA VAL A 180 12.69 -13.72 4.62
C VAL A 180 11.82 -12.50 4.86
N ARG A 181 11.84 -11.54 3.93
CA ARG A 181 11.16 -10.26 4.08
C ARG A 181 10.07 -10.13 3.04
N SER A 182 8.90 -9.63 3.45
CA SER A 182 7.79 -9.54 2.51
C SER A 182 6.67 -8.70 3.11
N GLY A 183 5.76 -8.28 2.24
CA GLY A 183 4.46 -7.86 2.70
C GLY A 183 3.66 -9.06 3.12
N CYS A 184 2.56 -8.82 3.82
CA CYS A 184 1.70 -9.90 4.29
C CYS A 184 0.29 -9.31 4.51
N GLN A 185 -0.66 -10.18 4.84
CA GLN A 185 -2.06 -9.75 4.93
C GLN A 185 -2.18 -8.50 5.80
N GLY A 186 -2.90 -7.51 5.29
CA GLY A 186 -3.08 -6.24 5.97
C GLY A 186 -2.08 -5.16 5.61
N ASP A 187 -1.02 -5.51 4.87
CA ASP A 187 -0.17 -4.48 4.28
C ASP A 187 -0.76 -3.95 2.98
N SER A 188 -1.62 -4.75 2.35
CA SER A 188 -2.30 -4.40 1.12
C SER A 188 -2.84 -2.99 1.18
N GLY A 189 -2.74 -2.30 0.04
CA GLY A 189 -3.17 -0.94 -0.07
C GLY A 189 -2.12 0.06 0.32
N GLY A 190 -1.12 -0.35 1.12
CA GLY A 190 -0.11 0.56 1.59
C GLY A 190 0.97 0.81 0.56
N PRO A 191 1.95 1.62 0.96
CA PRO A 191 3.01 2.07 0.05
C PRO A 191 4.19 1.12 -0.07
N LEU A 192 4.83 1.19 -1.22
CA LEU A 192 6.23 0.82 -1.42
C LEU A 192 6.94 2.14 -1.68
N HIS A 193 7.84 2.53 -0.76
CA HIS A 193 8.60 3.76 -0.87
C HIS A 193 9.95 3.44 -1.49
N CYS A 194 10.29 4.14 -2.57
CA CYS A 194 11.53 3.87 -3.28
C CYS A 194 12.34 5.15 -3.41
N LEU A 195 13.65 5.02 -3.22
CA LEU A 195 14.56 6.17 -3.23
C LEU A 195 14.94 6.50 -4.67
N VAL A 196 14.60 7.72 -5.09
CA VAL A 196 14.90 8.20 -6.45
C VAL A 196 15.38 9.64 -6.34
N ASN A 197 16.61 9.90 -6.82
CA ASN A 197 17.20 11.25 -6.78
C ASN A 197 17.18 11.85 -5.36
N GLY A 198 17.47 11.00 -4.38
CA GLY A 198 17.57 11.40 -2.99
C GLY A 198 16.27 11.52 -2.23
N GLN A 199 15.14 11.28 -2.86
CA GLN A 199 13.84 11.49 -2.24
C GLN A 199 13.05 10.19 -2.35
N TYR A 200 12.38 9.79 -1.27
CA TYR A 200 11.49 8.65 -1.34
C TYR A 200 10.17 9.08 -1.97
N ALA A 201 9.69 8.24 -2.86
CA ALA A 201 8.40 8.40 -3.51
C ALA A 201 7.68 7.07 -3.45
N VAL A 202 6.36 7.12 -3.48
CA VAL A 202 5.53 5.93 -3.36
C VAL A 202 5.33 5.38 -4.76
N HIS A 203 6.09 4.35 -5.09
CA HIS A 203 6.02 3.71 -6.40
C HIS A 203 5.04 2.55 -6.45
N GLY A 204 4.64 2.00 -5.32
CA GLY A 204 3.77 0.85 -5.31
C GLY A 204 2.62 1.01 -4.33
N VAL A 205 1.50 0.35 -4.67
CA VAL A 205 0.38 0.10 -3.77
C VAL A 205 0.30 -1.42 -3.60
N THR A 206 0.50 -1.89 -2.38
CA THR A 206 0.58 -3.33 -2.15
C THR A 206 -0.70 -4.01 -2.62
N SER A 207 -0.54 -5.02 -3.50
CA SER A 207 -1.68 -5.68 -4.13
C SER A 207 -1.85 -7.14 -3.76
N PHE A 208 -0.80 -7.96 -3.85
CA PHE A 208 -0.99 -9.36 -3.50
C PHE A 208 0.34 -10.02 -3.13
N VAL A 209 0.19 -11.13 -2.41
CA VAL A 209 1.26 -12.05 -2.05
C VAL A 209 0.85 -13.46 -2.49
N SER A 210 1.78 -14.38 -2.40
CA SER A 210 1.52 -15.77 -2.78
C SER A 210 0.54 -16.43 -1.82
N ARG A 211 -0.37 -17.23 -2.38
CA ARG A 211 -1.22 -18.05 -1.52
C ARG A 211 -0.43 -19.11 -0.78
N LEU A 212 0.81 -19.34 -1.18
CA LEU A 212 1.68 -20.29 -0.50
C LEU A 212 2.32 -19.71 0.73
N GLY A 213 2.28 -18.40 0.88
CA GLY A 213 2.89 -17.76 2.03
C GLY A 213 3.32 -16.35 1.68
N CYS A 214 3.50 -15.55 2.73
CA CYS A 214 3.90 -14.17 2.53
C CYS A 214 5.34 -14.08 2.05
N ASN A 215 6.28 -14.62 2.83
CA ASN A 215 7.70 -14.62 2.49
C ASN A 215 8.02 -15.95 1.84
N VAL A 216 8.07 -15.95 0.50
CA VAL A 216 8.28 -17.16 -0.30
C VAL A 216 9.30 -16.82 -1.36
N THR A 217 10.34 -17.65 -1.47
CA THR A 217 11.39 -17.37 -2.43
C THR A 217 10.84 -17.35 -3.84
N ARG A 218 11.22 -16.31 -4.60
CA ARG A 218 10.78 -16.11 -5.99
C ARG A 218 9.27 -15.85 -6.11
N LYS A 219 8.61 -15.49 -5.01
CA LYS A 219 7.25 -14.93 -5.06
C LYS A 219 7.32 -13.57 -4.37
N PRO A 220 7.99 -12.60 -5.00
CA PRO A 220 8.06 -11.27 -4.39
C PRO A 220 6.67 -10.70 -4.17
N THR A 221 6.60 -9.75 -3.24
CA THR A 221 5.36 -9.02 -3.04
C THR A 221 5.05 -8.22 -4.30
N VAL A 222 3.78 -8.16 -4.67
CA VAL A 222 3.39 -7.50 -5.91
C VAL A 222 2.56 -6.27 -5.59
N PHE A 223 2.89 -5.17 -6.27
CA PHE A 223 2.32 -3.85 -6.05
C PHE A 223 1.75 -3.31 -7.35
N THR A 224 0.66 -2.56 -7.26
CA THR A 224 0.25 -1.75 -8.39
C THR A 224 1.31 -0.68 -8.64
N ARG A 225 1.68 -0.49 -9.89
CA ARG A 225 2.72 0.48 -10.24
C ARG A 225 2.07 1.86 -10.31
N VAL A 226 2.34 2.69 -9.29
CA VAL A 226 1.69 4.00 -9.20
C VAL A 226 1.95 4.83 -10.45
N SER A 227 3.15 4.75 -11.00
CA SER A 227 3.51 5.61 -12.13
C SER A 227 2.71 5.28 -13.40
N ALA A 228 2.04 4.14 -13.44
CA ALA A 228 1.14 3.85 -14.55
C ALA A 228 -0.22 4.55 -14.42
N TYR A 229 -0.50 5.16 -13.27
CA TYR A 229 -1.83 5.67 -12.96
C TYR A 229 -1.85 7.16 -12.65
N ILE A 230 -0.77 7.89 -12.95
CA ILE A 230 -0.71 9.31 -12.57
C ILE A 230 -1.83 10.10 -13.22
N SER A 231 -2.05 9.90 -14.52
CA SER A 231 -3.13 10.61 -15.19
C SER A 231 -4.49 10.26 -14.60
N TRP A 232 -4.72 8.97 -14.33
CA TRP A 232 -5.98 8.56 -13.72
C TRP A 232 -6.17 9.24 -12.37
N ILE A 233 -5.15 9.18 -11.50
CA ILE A 233 -5.25 9.81 -10.18
C ILE A 233 -5.59 11.28 -10.32
N ASN A 234 -4.85 12.00 -11.17
CA ASN A 234 -5.10 13.43 -11.32
C ASN A 234 -6.49 13.70 -11.89
N ASN A 235 -6.94 12.88 -12.84
CA ASN A 235 -8.28 13.05 -13.38
C ASN A 235 -9.34 12.89 -12.30
N VAL A 236 -9.18 11.88 -11.44
CA VAL A 236 -10.16 11.67 -10.39
C VAL A 236 -10.19 12.87 -9.45
N ILE A 237 -9.02 13.32 -9.00
CA ILE A 237 -8.99 14.42 -8.05
C ILE A 237 -9.57 15.69 -8.66
N ALA A 238 -9.29 15.91 -9.94
CA ALA A 238 -9.76 17.11 -10.61
C ALA A 238 -11.27 17.11 -10.81
N SER A 239 -11.90 15.94 -10.95
CA SER A 239 -13.32 15.87 -11.23
C SER A 239 -14.16 15.54 -10.00
N ASN A 240 -13.56 15.51 -8.82
CA ASN A 240 -14.28 15.25 -7.59
C ASN A 240 -13.82 16.26 -6.54
#